data_8Z9K
#
_entry.id   8Z9K
#
_cell.length_a   93.247
_cell.length_b   93.247
_cell.length_c   262.655
_cell.angle_alpha   90.00
_cell.angle_beta   90.00
_cell.angle_gamma   120.00
#
_symmetry.space_group_name_H-M   'P 61 2 2'
#
loop_
_entity.id
_entity.type
_entity.pdbx_description
1 polymer 'RNA (41-MER)'
2 non-polymer 'SODIUM ION'
3 water water
#
_entity_poly.entity_id   1
_entity_poly.type   'polyribonucleotide'
_entity_poly.pdbx_seq_one_letter_code
;GGGCAGAGCCCAACACAGCGAAAGCUGUGGCUAGACUGCCC
;
_entity_poly.pdbx_strand_id   A,B
#